data_6GF8
#
_entry.id   6GF8
#
_cell.length_a   90.774
_cell.length_b   125.734
_cell.length_c   105.001
_cell.angle_alpha   90.00
_cell.angle_beta   90.00
_cell.angle_gamma   90.00
#
_symmetry.space_group_name_H-M   'C 2 2 21'
#
loop_
_entity.id
_entity.type
_entity.pdbx_description
1 polymer 'Zona pellucida sperm-binding protein 1,Zona pellucida sperm-binding protein 1'
2 branched 2-acetamido-2-deoxy-beta-D-glucopyranose-(1-4)-[alpha-L-fucopyranose-(1-6)]2-acetamido-2-deoxy-beta-D-glucopyranose
3 branched 2-acetamido-2-deoxy-beta-D-glucopyranose-(1-4)-2-acetamido-2-deoxy-beta-D-glucopyranose
4 non-polymer (4S)-2-METHYL-2,4-PENTANEDIOL
#
_entity_poly.entity_id   1
_entity_poly.type   'polypeptide(L)'
_entity_poly.pdbx_seq_one_letter_code
;DAAQPALLQYHYDCGDFGMQLLAYPTRGRTVHFKVLDEFGTRFEVANCSICMHWLNTGEDGGLIFSAGYEGCHVLVKDGR
YVLRVQLEEMLLSGVVAASYEVQMTCPRPAGYEILRDEKVHHHHHHHHQRPDRGNS
;
_entity_poly.pdbx_strand_id   A,B
#
# COMPACT_ATOMS: atom_id res chain seq x y z
N LEU A 7 31.08 -7.74 15.25
CA LEU A 7 29.92 -6.95 14.86
C LEU A 7 28.61 -7.69 15.08
N LEU A 8 27.53 -7.08 14.61
CA LEU A 8 26.19 -7.62 14.72
C LEU A 8 25.70 -8.02 13.33
N GLN A 9 25.11 -9.21 13.23
CA GLN A 9 24.58 -9.71 11.98
C GLN A 9 23.11 -9.31 11.84
N TYR A 10 22.77 -8.65 10.73
CA TYR A 10 21.38 -8.29 10.50
C TYR A 10 21.13 -8.13 9.00
N HIS A 11 19.86 -8.27 8.64
CA HIS A 11 19.38 -8.05 7.28
C HIS A 11 17.86 -7.95 7.35
N TYR A 12 17.26 -7.44 6.28
CA TYR A 12 15.81 -7.31 6.21
C TYR A 12 15.29 -7.87 4.88
N ASP A 13 14.06 -8.40 4.95
CA ASP A 13 13.39 -8.99 3.80
C ASP A 13 12.11 -8.22 3.51
N CYS A 14 11.82 -8.03 2.24
CA CYS A 14 10.59 -7.38 1.80
C CYS A 14 9.55 -8.43 1.45
N GLY A 15 8.37 -8.34 2.07
CA GLY A 15 7.26 -9.21 1.78
C GLY A 15 6.16 -8.50 1.00
N ASP A 16 5.00 -9.15 0.95
CA ASP A 16 3.88 -8.58 0.22
C ASP A 16 3.19 -7.47 1.02
N PHE A 17 2.86 -7.75 2.28
CA PHE A 17 2.13 -6.81 3.11
C PHE A 17 3.00 -6.15 4.17
N GLY A 18 4.26 -6.55 4.28
CA GLY A 18 5.15 -5.95 5.26
C GLY A 18 6.56 -6.43 5.09
N MET A 19 7.40 -6.07 6.05
CA MET A 19 8.81 -6.41 6.04
C MET A 19 9.21 -6.88 7.43
N GLN A 20 10.30 -7.65 7.50
CA GLN A 20 10.81 -8.13 8.77
C GLN A 20 12.32 -7.94 8.83
N LEU A 21 12.81 -7.57 10.01
CA LEU A 21 14.22 -7.34 10.27
C LEU A 21 14.73 -8.43 11.21
N LEU A 22 15.76 -9.16 10.79
CA LEU A 22 16.33 -10.25 11.57
C LEU A 22 17.72 -9.87 12.05
N ALA A 23 17.95 -9.97 13.37
CA ALA A 23 19.22 -9.63 13.98
C ALA A 23 19.73 -10.80 14.80
N TYR A 24 21.06 -11.01 14.78
CA TYR A 24 21.69 -12.12 15.49
C TYR A 24 22.77 -11.62 16.44
N PRO A 25 22.49 -11.48 17.73
CA PRO A 25 23.49 -11.01 18.68
C PRO A 25 24.35 -12.15 19.22
N THR A 26 25.59 -11.81 19.53
CA THR A 26 26.56 -12.78 20.03
C THR A 26 26.78 -12.59 21.54
N ARG A 27 27.53 -13.54 22.12
CA ARG A 27 28.02 -13.46 23.50
C ARG A 27 26.89 -13.21 24.51
N GLY A 28 25.71 -13.78 24.25
CA GLY A 28 24.62 -13.64 25.18
C GLY A 28 24.02 -12.25 25.26
N ARG A 29 24.45 -11.34 24.39
CA ARG A 29 23.86 -10.01 24.36
C ARG A 29 22.39 -10.08 23.95
N THR A 30 21.67 -8.99 24.19
CA THR A 30 20.30 -8.83 23.76
C THR A 30 20.20 -7.70 22.74
N VAL A 31 19.03 -7.58 22.13
CA VAL A 31 18.80 -6.57 21.10
C VAL A 31 17.50 -5.84 21.40
N HIS A 32 17.56 -4.51 21.37
CA HIS A 32 16.38 -3.68 21.48
C HIS A 32 16.18 -2.93 20.16
N PHE A 33 14.97 -2.99 19.64
CA PHE A 33 14.63 -2.28 18.41
C PHE A 33 13.91 -1.00 18.81
N LYS A 34 14.29 0.10 18.18
CA LYS A 34 13.59 1.36 18.39
C LYS A 34 13.23 1.95 17.02
N VAL A 35 11.98 2.34 16.88
CA VAL A 35 11.49 2.99 15.67
C VAL A 35 11.68 4.49 15.84
N LEU A 36 12.07 5.15 14.74
CA LEU A 36 12.30 6.60 14.72
C LEU A 36 11.26 7.29 13.85
N ASP A 37 10.78 8.44 14.32
CA ASP A 37 9.89 9.29 13.55
C ASP A 37 10.70 10.41 12.90
N GLU A 38 10.01 11.29 12.17
CA GLU A 38 10.68 12.37 11.46
C GLU A 38 11.30 13.40 12.39
N PHE A 39 10.95 13.43 13.67
CA PHE A 39 11.55 14.33 14.62
C PHE A 39 12.74 13.71 15.35
N GLY A 40 13.07 12.46 15.05
CA GLY A 40 14.15 11.77 15.73
C GLY A 40 13.79 11.16 17.05
N THR A 41 12.51 11.16 17.43
CA THR A 41 12.10 10.55 18.69
C THR A 41 12.17 9.03 18.57
N ARG A 42 12.61 8.38 19.65
CA ARG A 42 12.88 6.95 19.67
C ARG A 42 11.76 6.25 20.42
N PHE A 43 11.13 5.26 19.79
CA PHE A 43 10.04 4.51 20.38
C PHE A 43 10.45 3.05 20.52
N GLU A 44 10.41 2.54 21.75
CA GLU A 44 10.69 1.13 22.01
C GLU A 44 9.69 0.25 21.28
N VAL A 45 10.19 -0.80 20.61
CA VAL A 45 9.37 -1.71 19.84
C VAL A 45 8.90 -2.86 20.72
N ALA A 46 7.59 -3.10 20.72
CA ALA A 46 6.98 -4.22 21.42
C ALA A 46 5.87 -4.77 20.55
N ASN A 47 5.27 -5.88 20.98
CA ASN A 47 4.09 -6.37 20.30
C ASN A 47 3.00 -5.31 20.32
N CYS A 48 2.50 -4.95 19.14
CA CYS A 48 1.50 -3.90 18.98
C CYS A 48 0.66 -4.23 17.77
N SER A 49 -0.52 -4.83 18.00
CA SER A 49 -1.41 -5.17 16.90
C SER A 49 -1.95 -3.93 16.18
N ILE A 50 -2.07 -2.81 16.89
CA ILE A 50 -2.63 -1.60 16.27
C ILE A 50 -1.63 -0.98 15.30
N CYS A 51 -0.36 -0.98 15.67
CA CYS A 51 0.72 -0.43 14.84
C CYS A 51 1.30 -1.43 13.86
N MET A 52 0.87 -2.70 13.90
CA MET A 52 1.47 -3.76 13.10
C MET A 52 2.98 -3.88 13.37
N HIS A 53 3.34 -3.96 14.65
CA HIS A 53 4.69 -4.28 15.10
C HIS A 53 4.64 -5.61 15.84
N TRP A 54 5.59 -6.49 15.57
CA TRP A 54 5.65 -7.78 16.24
C TRP A 54 7.10 -8.21 16.45
N LEU A 55 7.36 -8.82 17.62
CA LEU A 55 8.69 -9.32 17.98
C LEU A 55 8.65 -10.81 18.25
N ASN A 56 9.51 -11.56 17.57
CA ASN A 56 9.56 -13.01 17.71
C ASN A 56 11.00 -13.48 17.60
N THR A 57 11.27 -14.66 18.15
CA THR A 57 12.57 -15.30 18.11
C THR A 57 12.55 -16.48 17.14
N GLY A 58 13.55 -16.56 16.26
CA GLY A 58 13.63 -17.62 15.28
C GLY A 58 14.19 -18.91 15.85
N GLU A 59 14.14 -19.96 15.04
CA GLU A 59 14.69 -21.25 15.45
C GLU A 59 16.20 -21.19 15.65
N ASP A 60 16.89 -20.35 14.88
CA ASP A 60 18.32 -20.17 15.03
C ASP A 60 18.69 -19.31 16.24
N GLY A 61 17.70 -18.79 16.96
CA GLY A 61 17.97 -17.93 18.10
C GLY A 61 18.05 -16.45 17.79
N GLY A 62 17.67 -16.04 16.57
CA GLY A 62 17.68 -14.64 16.22
C GLY A 62 16.37 -13.93 16.56
N LEU A 63 16.45 -12.61 16.66
CA LEU A 63 15.28 -11.78 16.91
C LEU A 63 14.71 -11.26 15.61
N ILE A 64 13.38 -11.33 15.48
CA ILE A 64 12.68 -10.96 14.26
C ILE A 64 11.68 -9.85 14.60
N PHE A 65 11.85 -8.68 13.98
CA PHE A 65 10.90 -7.58 14.09
C PHE A 65 10.16 -7.43 12.77
N SER A 66 8.87 -7.76 12.78
CA SER A 66 8.04 -7.69 11.58
C SER A 66 7.12 -6.48 11.68
N ALA A 67 7.02 -5.73 10.59
CA ALA A 67 6.26 -4.48 10.57
C ALA A 67 5.46 -4.41 9.27
N GLY A 68 4.15 -4.13 9.40
CA GLY A 68 3.34 -3.92 8.22
C GLY A 68 3.68 -2.63 7.50
N TYR A 69 3.49 -2.66 6.17
CA TYR A 69 3.80 -1.48 5.37
C TYR A 69 2.96 -0.28 5.76
N GLU A 70 1.75 -0.50 6.25
CA GLU A 70 0.88 0.57 6.74
C GLU A 70 0.94 0.73 8.25
N GLY A 71 1.95 0.15 8.88
CA GLY A 71 2.12 0.25 10.32
C GLY A 71 2.59 1.62 10.77
N CYS A 72 2.72 1.76 12.09
CA CYS A 72 3.12 3.03 12.68
C CYS A 72 4.52 3.42 12.25
N HIS A 73 4.67 4.69 11.86
CA HIS A 73 5.91 5.38 11.53
C HIS A 73 6.57 4.88 10.26
N VAL A 74 5.95 3.94 9.54
CA VAL A 74 6.42 3.59 8.21
C VAL A 74 5.97 4.68 7.25
N LEU A 75 6.94 5.37 6.65
CA LEU A 75 6.67 6.54 5.84
C LEU A 75 6.83 6.20 4.35
N VAL A 76 6.11 6.96 3.52
CA VAL A 76 6.18 6.82 2.07
C VAL A 76 7.04 7.95 1.52
N LYS A 77 8.17 7.59 0.91
CA LYS A 77 8.98 8.57 0.18
C LYS A 77 9.46 7.96 -1.13
N ASP A 78 9.25 8.71 -2.23
CA ASP A 78 9.64 8.30 -3.57
C ASP A 78 9.03 6.95 -3.95
N GLY A 79 7.74 6.78 -3.64
CA GLY A 79 7.03 5.56 -4.00
C GLY A 79 7.58 4.29 -3.39
N ARG A 80 8.19 4.38 -2.21
CA ARG A 80 8.69 3.22 -1.51
C ARG A 80 8.37 3.35 -0.03
N TYR A 81 8.16 2.20 0.61
CA TYR A 81 7.98 2.17 2.06
C TYR A 81 9.35 2.22 2.73
N VAL A 82 9.50 3.15 3.68
CA VAL A 82 10.76 3.36 4.39
C VAL A 82 10.48 3.43 5.88
N LEU A 83 11.22 2.65 6.67
CA LEU A 83 11.12 2.63 8.12
C LEU A 83 12.52 2.70 8.72
N ARG A 84 12.76 3.72 9.54
CA ARG A 84 14.07 3.89 10.16
C ARG A 84 14.06 3.23 11.53
N VAL A 85 14.94 2.24 11.72
CA VAL A 85 15.01 1.44 12.93
C VAL A 85 16.44 1.51 13.44
N GLN A 86 16.59 1.73 14.74
CA GLN A 86 17.90 1.69 15.40
C GLN A 86 17.97 0.47 16.30
N LEU A 87 19.03 -0.33 16.13
CA LEU A 87 19.28 -1.51 16.94
C LEU A 87 20.28 -1.20 18.04
N GLU A 88 19.94 -1.52 19.28
CA GLU A 88 20.86 -1.38 20.40
C GLU A 88 21.22 -2.77 20.91
N GLU A 89 22.49 -3.15 20.71
CA GLU A 89 23.01 -4.40 21.21
C GLU A 89 23.53 -4.17 22.63
N MET A 90 22.95 -4.86 23.62
CA MET A 90 23.20 -4.54 25.01
C MET A 90 23.67 -5.75 25.81
N LEU A 91 24.43 -5.45 26.86
CA LEU A 91 24.86 -6.41 27.86
C LEU A 91 23.78 -6.63 28.91
N LEU A 92 23.88 -7.76 29.61
CA LEU A 92 22.93 -8.07 30.68
C LEU A 92 22.96 -7.07 31.82
N SER A 93 23.95 -6.18 31.85
CA SER A 93 23.99 -5.12 32.86
C SER A 93 23.03 -3.98 32.55
N GLY A 94 22.57 -3.88 31.31
CA GLY A 94 21.70 -2.80 30.90
C GLY A 94 22.40 -1.67 30.15
N VAL A 95 23.68 -1.78 29.91
CA VAL A 95 24.44 -0.77 29.17
C VAL A 95 24.42 -1.15 27.70
N VAL A 96 24.47 -0.13 26.84
CA VAL A 96 24.50 -0.37 25.40
C VAL A 96 25.94 -0.62 24.96
N ALA A 97 26.18 -1.78 24.34
CA ALA A 97 27.50 -2.09 23.80
C ALA A 97 27.69 -1.47 22.43
N ALA A 98 26.69 -1.56 21.55
CA ALA A 98 26.78 -1.02 20.21
C ALA A 98 25.38 -0.65 19.73
N SER A 99 25.32 0.37 18.87
CA SER A 99 24.07 0.82 18.27
C SER A 99 24.25 0.99 16.77
N TYR A 100 23.36 0.39 15.99
CA TYR A 100 23.36 0.51 14.54
C TYR A 100 22.03 1.09 14.09
N GLU A 101 22.05 1.91 13.04
CA GLU A 101 20.83 2.46 12.45
C GLU A 101 20.69 1.97 11.03
N VAL A 102 19.49 1.51 10.67
CA VAL A 102 19.20 0.96 9.35
C VAL A 102 17.91 1.55 8.83
N GLN A 103 17.88 1.85 7.53
CA GLN A 103 16.66 2.28 6.84
C GLN A 103 16.14 1.11 6.00
N MET A 104 15.00 0.56 6.39
CA MET A 104 14.39 -0.55 5.66
C MET A 104 13.56 0.04 4.53
N THR A 105 13.97 -0.22 3.29
CA THR A 105 13.32 0.35 2.12
C THR A 105 12.78 -0.79 1.27
N CYS A 106 11.47 -0.79 1.06
CA CYS A 106 10.82 -1.83 0.26
C CYS A 106 9.90 -1.18 -0.76
N PRO A 107 9.85 -1.71 -2.00
CA PRO A 107 10.73 -2.81 -2.42
C PRO A 107 12.15 -2.36 -2.71
N ARG A 108 13.11 -3.27 -2.58
CA ARG A 108 14.50 -2.96 -2.91
C ARG A 108 14.67 -2.79 -4.42
N PRO A 109 15.64 -1.97 -4.86
CA PRO A 109 16.52 -1.12 -4.03
C PRO A 109 15.88 0.20 -3.62
N PRO B 5 -11.10 -2.03 9.57
CA PRO B 5 -11.57 -2.37 8.23
C PRO B 5 -11.90 -1.13 7.39
N ALA B 6 -10.87 -0.51 6.81
CA ALA B 6 -11.02 0.73 6.05
C ALA B 6 -11.42 0.44 4.61
N LEU B 7 -12.21 1.35 4.03
CA LEU B 7 -12.73 1.23 2.67
C LEU B 7 -12.16 2.34 1.79
N LEU B 8 -12.66 2.39 0.55
CA LEU B 8 -12.23 3.36 -0.45
C LEU B 8 -13.37 4.33 -0.73
N GLN B 9 -13.04 5.61 -0.81
CA GLN B 9 -14.01 6.64 -1.13
C GLN B 9 -14.06 6.80 -2.64
N TYR B 10 -15.25 6.63 -3.22
CA TYR B 10 -15.41 6.81 -4.65
C TYR B 10 -16.85 7.15 -4.98
N HIS B 11 -17.03 7.76 -6.15
CA HIS B 11 -18.33 8.08 -6.71
C HIS B 11 -18.12 8.36 -8.19
N TYR B 12 -19.22 8.34 -8.95
CA TYR B 12 -19.15 8.62 -10.37
C TYR B 12 -20.22 9.64 -10.76
N ASP B 13 -19.90 10.43 -11.78
CA ASP B 13 -20.77 11.48 -12.27
C ASP B 13 -21.14 11.20 -13.72
N CYS B 14 -22.39 11.46 -14.07
CA CYS B 14 -22.88 11.34 -15.43
C CYS B 14 -22.85 12.72 -16.08
N GLY B 15 -22.15 12.83 -17.21
CA GLY B 15 -22.09 14.05 -17.98
C GLY B 15 -22.91 13.98 -19.25
N ASP B 16 -22.67 14.94 -20.14
CA ASP B 16 -23.41 14.98 -21.40
C ASP B 16 -22.89 13.96 -22.40
N PHE B 17 -21.59 13.91 -22.61
CA PHE B 17 -21.00 13.03 -23.60
C PHE B 17 -20.29 11.83 -22.99
N GLY B 18 -20.17 11.79 -21.67
CA GLY B 18 -19.52 10.67 -21.02
C GLY B 18 -19.64 10.78 -19.53
N MET B 19 -18.93 9.88 -18.85
CA MET B 19 -18.97 9.81 -17.40
C MET B 19 -17.55 9.66 -16.87
N GLN B 20 -17.37 10.00 -15.61
CA GLN B 20 -16.07 9.87 -14.97
C GLN B 20 -16.23 9.24 -13.59
N LEU B 21 -15.27 8.41 -13.23
CA LEU B 21 -15.24 7.74 -11.94
C LEU B 21 -14.09 8.31 -11.14
N LEU B 22 -14.39 8.85 -9.96
CA LEU B 22 -13.40 9.48 -9.09
C LEU B 22 -13.18 8.62 -7.86
N ALA B 23 -11.93 8.27 -7.60
CA ALA B 23 -11.55 7.44 -6.46
C ALA B 23 -10.49 8.17 -5.66
N TYR B 24 -10.57 8.04 -4.34
CA TYR B 24 -9.65 8.72 -3.42
C TYR B 24 -8.97 7.70 -2.52
N PRO B 25 -7.75 7.28 -2.85
CA PRO B 25 -7.05 6.31 -2.01
C PRO B 25 -6.29 6.97 -0.86
N THR B 26 -6.24 6.25 0.25
CA THR B 26 -5.55 6.71 1.44
C THR B 26 -4.25 5.95 1.63
N ARG B 27 -3.47 6.38 2.62
CA ARG B 27 -2.28 5.65 3.08
C ARG B 27 -1.29 5.40 1.94
N GLY B 28 -1.21 6.32 0.99
CA GLY B 28 -0.27 6.23 -0.10
C GLY B 28 -0.58 5.15 -1.12
N ARG B 29 -1.71 4.46 -0.99
CA ARG B 29 -2.10 3.45 -1.96
C ARG B 29 -2.38 4.08 -3.32
N THR B 30 -2.40 3.23 -4.33
CA THR B 30 -2.79 3.59 -5.68
C THR B 30 -4.00 2.78 -6.09
N VAL B 31 -4.59 3.14 -7.22
CA VAL B 31 -5.80 2.48 -7.72
C VAL B 31 -5.58 2.11 -9.18
N HIS B 32 -5.91 0.87 -9.52
CA HIS B 32 -5.89 0.40 -10.89
C HIS B 32 -7.32 0.10 -11.32
N PHE B 33 -7.70 0.62 -12.47
CA PHE B 33 -9.03 0.43 -13.01
C PHE B 33 -9.02 -0.68 -14.04
N LYS B 34 -10.01 -1.57 -13.96
CA LYS B 34 -10.22 -2.60 -14.96
C LYS B 34 -11.66 -2.57 -15.42
N VAL B 35 -11.85 -2.57 -16.74
CA VAL B 35 -13.17 -2.63 -17.34
C VAL B 35 -13.56 -4.08 -17.56
N LEU B 36 -14.83 -4.38 -17.34
CA LEU B 36 -15.38 -5.71 -17.50
C LEU B 36 -16.30 -5.75 -18.71
N ASP B 37 -16.22 -6.82 -19.48
CA ASP B 37 -17.12 -7.06 -20.59
C ASP B 37 -18.22 -8.02 -20.18
N GLU B 38 -19.11 -8.35 -21.12
CA GLU B 38 -20.23 -9.23 -20.82
C GLU B 38 -19.80 -10.65 -20.51
N PHE B 39 -18.57 -11.02 -20.85
CA PHE B 39 -18.02 -12.33 -20.51
C PHE B 39 -17.27 -12.33 -19.20
N GLY B 40 -17.20 -11.18 -18.51
CA GLY B 40 -16.46 -11.07 -17.28
C GLY B 40 -14.98 -10.87 -17.43
N THR B 41 -14.50 -10.68 -18.66
CA THR B 41 -13.07 -10.48 -18.88
C THR B 41 -12.64 -9.11 -18.37
N ARG B 42 -11.45 -9.07 -17.79
CA ARG B 42 -10.90 -7.88 -17.14
C ARG B 42 -9.82 -7.28 -18.04
N PHE B 43 -9.98 -5.99 -18.36
CA PHE B 43 -9.01 -5.27 -19.15
C PHE B 43 -8.45 -4.09 -18.35
N GLU B 44 -7.13 -4.03 -18.22
CA GLU B 44 -6.50 -2.90 -17.57
C GLU B 44 -6.80 -1.62 -18.33
N VAL B 45 -7.20 -0.58 -17.61
CA VAL B 45 -7.59 0.68 -18.22
C VAL B 45 -6.37 1.56 -18.35
N ALA B 46 -6.17 2.13 -19.53
CA ALA B 46 -5.08 3.05 -19.78
C ALA B 46 -5.58 4.20 -20.65
N ASN B 47 -4.72 5.19 -20.85
CA ASN B 47 -5.02 6.24 -21.81
C ASN B 47 -5.22 5.62 -23.18
N CYS B 48 -6.41 5.81 -23.75
CA CYS B 48 -6.73 5.21 -25.04
C CYS B 48 -7.77 6.13 -25.70
N SER B 49 -7.29 7.01 -26.60
CA SER B 49 -8.20 7.92 -27.29
C SER B 49 -9.18 7.16 -28.16
N ILE B 50 -8.79 5.98 -28.64
CA ILE B 50 -9.67 5.20 -29.52
C ILE B 50 -10.83 4.64 -28.71
N CYS B 51 -10.57 4.23 -27.47
CA CYS B 51 -11.63 3.75 -26.59
C CYS B 51 -12.32 4.85 -25.81
N MET B 52 -11.86 6.10 -25.93
CA MET B 52 -12.37 7.20 -25.14
C MET B 52 -12.27 6.86 -23.65
N HIS B 53 -11.09 6.40 -23.25
CA HIS B 53 -10.71 6.20 -21.86
C HIS B 53 -9.57 7.13 -21.51
N TRP B 54 -9.65 7.75 -20.34
CA TRP B 54 -8.60 8.66 -19.90
C TRP B 54 -8.39 8.54 -18.40
N LEU B 55 -7.13 8.62 -17.98
CA LEU B 55 -6.75 8.51 -16.58
C LEU B 55 -6.05 9.79 -16.15
N ASN B 56 -6.56 10.41 -15.08
CA ASN B 56 -6.06 11.69 -14.63
C ASN B 56 -6.10 11.77 -13.11
N THR B 57 -5.30 12.68 -12.57
CA THR B 57 -5.27 12.98 -11.14
C THR B 57 -5.94 14.33 -10.92
N GLY B 58 -6.85 14.39 -9.93
CA GLY B 58 -7.58 15.61 -9.68
C GLY B 58 -6.77 16.63 -8.88
N GLU B 59 -7.34 17.84 -8.78
CA GLU B 59 -6.68 18.89 -8.00
C GLU B 59 -6.61 18.52 -6.52
N ASP B 60 -7.60 17.80 -6.02
CA ASP B 60 -7.63 17.32 -4.64
C ASP B 60 -6.76 16.09 -4.41
N GLY B 61 -6.10 15.58 -5.44
CA GLY B 61 -5.29 14.38 -5.33
C GLY B 61 -6.01 13.09 -5.60
N GLY B 62 -7.24 13.15 -6.13
CA GLY B 62 -7.97 11.95 -6.47
C GLY B 62 -7.68 11.48 -7.89
N LEU B 63 -7.97 10.21 -8.14
CA LEU B 63 -7.83 9.63 -9.47
C LEU B 63 -9.17 9.69 -10.21
N ILE B 64 -9.14 10.12 -11.47
CA ILE B 64 -10.33 10.30 -12.29
C ILE B 64 -10.21 9.44 -13.54
N PHE B 65 -11.14 8.51 -13.71
CA PHE B 65 -11.24 7.70 -14.92
C PHE B 65 -12.46 8.18 -15.71
N SER B 66 -12.22 8.79 -16.86
CA SER B 66 -13.28 9.32 -17.70
C SER B 66 -13.49 8.43 -18.92
N ALA B 67 -14.76 8.16 -19.22
CA ALA B 67 -15.13 7.26 -20.30
C ALA B 67 -16.25 7.87 -21.12
N GLY B 68 -16.09 7.91 -22.43
CA GLY B 68 -17.17 8.33 -23.29
C GLY B 68 -18.29 7.30 -23.33
N TYR B 69 -19.52 7.78 -23.50
CA TYR B 69 -20.66 6.88 -23.53
C TYR B 69 -20.55 5.89 -24.68
N GLU B 70 -19.90 6.29 -25.77
CA GLU B 70 -19.64 5.41 -26.90
C GLU B 70 -18.25 4.79 -26.84
N GLY B 71 -17.59 4.87 -25.68
CA GLY B 71 -16.28 4.29 -25.52
C GLY B 71 -16.34 2.77 -25.42
N CYS B 72 -15.15 2.17 -25.35
CA CYS B 72 -15.04 0.72 -25.32
C CYS B 72 -15.76 0.14 -24.11
N HIS B 73 -16.57 -0.90 -24.36
CA HIS B 73 -17.25 -1.72 -23.37
C HIS B 73 -18.34 -0.98 -22.61
N VAL B 74 -18.63 0.28 -22.94
CA VAL B 74 -19.82 0.91 -22.40
C VAL B 74 -21.03 0.33 -23.12
N LEU B 75 -21.87 -0.37 -22.39
CA LEU B 75 -22.96 -1.12 -22.98
C LEU B 75 -24.29 -0.41 -22.79
N VAL B 76 -25.21 -0.65 -23.72
CA VAL B 76 -26.57 -0.12 -23.65
C VAL B 76 -27.48 -1.23 -23.17
N LYS B 77 -28.06 -1.08 -21.99
CA LYS B 77 -29.10 -1.99 -21.52
C LYS B 77 -30.20 -1.18 -20.85
N ASP B 78 -31.45 -1.47 -21.24
CA ASP B 78 -32.62 -0.78 -20.72
C ASP B 78 -32.54 0.73 -20.96
N GLY B 79 -32.11 1.11 -22.16
CA GLY B 79 -32.03 2.53 -22.50
C GLY B 79 -31.09 3.33 -21.63
N ARG B 80 -30.04 2.70 -21.10
CA ARG B 80 -29.06 3.37 -20.28
C ARG B 80 -27.66 2.90 -20.66
N TYR B 81 -26.69 3.79 -20.50
CA TYR B 81 -25.29 3.43 -20.67
C TYR B 81 -24.81 2.72 -19.41
N VAL B 82 -24.17 1.57 -19.58
CA VAL B 82 -23.69 0.77 -18.45
C VAL B 82 -22.25 0.36 -18.72
N LEU B 83 -21.38 0.63 -17.75
CA LEU B 83 -19.97 0.25 -17.81
C LEU B 83 -19.59 -0.38 -16.47
N ARG B 84 -19.16 -1.64 -16.49
CA ARG B 84 -18.77 -2.34 -15.28
C ARG B 84 -17.26 -2.21 -15.08
N VAL B 85 -16.87 -1.61 -13.96
CA VAL B 85 -15.47 -1.31 -13.68
C VAL B 85 -15.11 -1.93 -12.34
N GLN B 86 -13.95 -2.57 -12.29
CA GLN B 86 -13.39 -3.09 -11.05
C GLN B 86 -12.21 -2.22 -10.66
N LEU B 87 -12.24 -1.71 -9.42
CA LEU B 87 -11.16 -0.90 -8.87
C LEU B 87 -10.31 -1.77 -7.95
N GLU B 88 -9.00 -1.79 -8.20
CA GLU B 88 -8.06 -2.50 -7.35
C GLU B 88 -7.18 -1.49 -6.63
N GLU B 89 -7.35 -1.39 -5.32
CA GLU B 89 -6.53 -0.54 -4.47
C GLU B 89 -5.31 -1.35 -4.05
N MET B 90 -4.11 -0.88 -4.39
CA MET B 90 -2.91 -1.69 -4.25
C MET B 90 -1.84 -0.99 -3.40
N LEU B 91 -1.02 -1.80 -2.77
CA LEU B 91 0.14 -1.35 -2.01
C LEU B 91 1.31 -1.07 -2.95
N LEU B 92 2.24 -0.24 -2.47
CA LEU B 92 3.44 0.06 -3.25
C LEU B 92 4.30 -1.17 -3.48
N SER B 93 4.02 -2.28 -2.80
CA SER B 93 4.73 -3.52 -3.05
C SER B 93 4.25 -4.22 -4.32
N GLY B 94 3.09 -3.83 -4.84
CA GLY B 94 2.52 -4.45 -6.02
C GLY B 94 1.46 -5.48 -5.75
N VAL B 95 1.11 -5.71 -4.50
CA VAL B 95 0.06 -6.64 -4.14
C VAL B 95 -1.25 -5.88 -4.06
N VAL B 96 -2.35 -6.56 -4.34
CA VAL B 96 -3.67 -5.94 -4.25
C VAL B 96 -4.17 -6.01 -2.81
N ALA B 97 -4.45 -4.84 -2.23
CA ALA B 97 -4.99 -4.77 -0.88
C ALA B 97 -6.50 -5.00 -0.86
N ALA B 98 -7.23 -4.39 -1.79
CA ALA B 98 -8.68 -4.53 -1.85
C ALA B 98 -9.13 -4.35 -3.30
N SER B 99 -10.24 -5.01 -3.63
CA SER B 99 -10.84 -4.91 -4.96
C SER B 99 -12.34 -4.67 -4.81
N TYR B 100 -12.83 -3.62 -5.48
CA TYR B 100 -14.25 -3.29 -5.48
C TYR B 100 -14.77 -3.29 -6.90
N GLU B 101 -16.02 -3.73 -7.07
CA GLU B 101 -16.68 -3.72 -8.36
C GLU B 101 -17.85 -2.76 -8.34
N VAL B 102 -17.93 -1.90 -9.36
CA VAL B 102 -19.01 -0.94 -9.51
C VAL B 102 -19.46 -0.96 -10.96
N GLN B 103 -20.78 -0.91 -11.17
CA GLN B 103 -21.34 -0.75 -12.51
C GLN B 103 -21.87 0.68 -12.64
N MET B 104 -21.25 1.46 -13.50
CA MET B 104 -21.66 2.84 -13.73
C MET B 104 -22.83 2.86 -14.70
N THR B 105 -23.99 3.33 -14.22
CA THR B 105 -25.20 3.35 -15.01
C THR B 105 -25.64 4.80 -15.16
N CYS B 106 -25.68 5.27 -16.40
CA CYS B 106 -26.06 6.64 -16.72
C CYS B 106 -27.13 6.62 -17.80
N PRO B 107 -28.13 7.50 -17.71
CA PRO B 107 -28.42 8.45 -16.63
C PRO B 107 -29.03 7.82 -15.38
N ARG B 108 -28.96 8.52 -14.25
CA ARG B 108 -29.56 8.04 -13.01
C ARG B 108 -31.09 7.97 -13.13
N PRO B 109 -31.73 7.04 -12.41
CA PRO B 109 -31.09 6.03 -11.56
C PRO B 109 -30.62 4.81 -12.36
#